data_4M4X
#
_entry.id   4M4X
#
_cell.length_a   88.173
_cell.length_b   88.173
_cell.length_c   110.014
_cell.angle_alpha   90.000
_cell.angle_beta   90.000
_cell.angle_gamma   90.000
#
_symmetry.space_group_name_H-M   'P 41 21 2'
#
loop_
_entity.id
_entity.type
_entity.pdbx_description
1 polymer 'Aryl hydrocarbon receptor'
2 water water
#
_entity_poly.entity_id   1
_entity_poly.type   'polypeptide(L)'
_entity_poly.pdbx_seq_one_letter_code
;MGSHHHHHHHHGSDYDIPTTENLYFQGSMLQEGEFLLQALNGFVLVVTADALVFYASSTIQDYLGFQQSDVIHQSVYELI
HTEDRAEFQRQLHWALNPDSAQGVDEAHGPPQAAVYYTPDQLPPENASFMERCFRCRLRCLLDNSSGFLAMNFQGRLKYL
HGQNKKGKDGALLPPQLALFAIATPLQ
;
_entity_poly.pdbx_strand_id   A,B
#
# COMPACT_ATOMS: atom_id res chain seq x y z
N GLY A 27 12.08 3.86 -1.21
CA GLY A 27 12.34 2.47 -0.92
C GLY A 27 12.65 2.22 0.54
N SER A 28 13.04 3.28 1.25
CA SER A 28 13.34 3.17 2.68
C SER A 28 12.17 3.65 3.52
N MET A 29 11.57 4.78 3.13
CA MET A 29 10.35 5.26 3.77
C MET A 29 9.19 4.31 3.48
N LEU A 30 9.19 3.76 2.26
CA LEU A 30 8.21 2.76 1.88
C LEU A 30 8.40 1.54 2.78
N GLN A 31 9.66 1.19 2.98
CA GLN A 31 10.02 0.06 3.84
C GLN A 31 9.59 0.32 5.28
N GLU A 32 9.75 1.56 5.73
CA GLU A 32 9.36 1.94 7.09
C GLU A 32 7.84 1.97 7.27
N GLY A 33 7.10 2.16 6.17
CA GLY A 33 5.66 2.20 6.21
C GLY A 33 4.97 0.90 5.87
N GLU A 34 5.74 -0.11 5.45
CA GLU A 34 5.23 -1.44 5.10
C GLU A 34 4.13 -1.96 6.02
N PHE A 35 4.35 -1.85 7.32
CA PHE A 35 3.48 -2.45 8.32
C PHE A 35 2.02 -2.01 8.21
N LEU A 36 1.80 -0.81 7.66
CA LEU A 36 0.47 -0.29 7.51
C LEU A 36 -0.39 -1.19 6.61
N LEU A 37 0.27 -1.93 5.72
CA LEU A 37 -0.44 -2.83 4.80
C LEU A 37 -0.98 -4.07 5.50
N GLN A 38 -0.73 -4.17 6.81
CA GLN A 38 -1.29 -5.28 7.59
C GLN A 38 -2.80 -5.15 7.71
N ALA A 39 -3.31 -3.95 7.46
CA ALA A 39 -4.74 -3.69 7.52
C ALA A 39 -5.44 -4.30 6.30
N LEU A 40 -4.70 -4.57 5.24
CA LEU A 40 -5.27 -5.17 4.04
C LEU A 40 -5.63 -6.63 4.26
N ASN A 41 -6.60 -7.08 3.48
CA ASN A 41 -7.00 -8.48 3.45
C ASN A 41 -6.28 -9.17 2.30
N GLY A 42 -4.96 -9.22 2.38
CA GLY A 42 -4.17 -9.86 1.35
C GLY A 42 -2.83 -9.17 1.27
N PHE A 43 -2.05 -9.51 0.26
CA PHE A 43 -0.76 -8.87 0.10
C PHE A 43 -0.65 -8.17 -1.24
N VAL A 44 0.21 -7.18 -1.30
CA VAL A 44 0.40 -6.41 -2.51
C VAL A 44 1.45 -7.13 -3.35
N LEU A 45 1.16 -7.29 -4.63
CA LEU A 45 2.11 -7.90 -5.56
C LEU A 45 2.18 -7.03 -6.81
N VAL A 46 3.39 -6.73 -7.25
CA VAL A 46 3.59 -5.97 -8.47
C VAL A 46 4.45 -6.80 -9.41
N VAL A 47 3.91 -7.14 -10.57
CA VAL A 47 4.58 -8.01 -11.54
C VAL A 47 4.75 -7.31 -12.89
N THR A 48 5.98 -7.23 -13.36
CA THR A 48 6.24 -6.57 -14.62
C THR A 48 5.87 -7.45 -15.82
N ALA A 49 5.90 -6.88 -17.02
CA ALA A 49 5.50 -7.57 -18.24
C ALA A 49 6.35 -8.81 -18.53
N ASP A 50 7.62 -8.76 -18.16
CA ASP A 50 8.53 -9.90 -18.26
C ASP A 50 8.26 -10.97 -17.20
N ALA A 51 7.19 -10.79 -16.44
CA ALA A 51 6.74 -11.70 -15.38
C ALA A 51 7.66 -11.81 -14.17
N LEU A 52 8.42 -10.74 -13.90
CA LEU A 52 9.26 -10.69 -12.70
C LEU A 52 8.50 -10.02 -11.56
N VAL A 53 8.74 -10.45 -10.33
CA VAL A 53 8.16 -9.76 -9.19
C VAL A 53 8.95 -8.48 -8.96
N PHE A 54 8.30 -7.34 -9.19
CA PHE A 54 8.98 -6.09 -8.98
C PHE A 54 8.94 -5.76 -7.49
N TYR A 55 7.82 -6.08 -6.88
CA TYR A 55 7.60 -5.81 -5.47
C TYR A 55 6.59 -6.78 -4.88
N ALA A 56 6.75 -7.06 -3.59
CA ALA A 56 5.77 -7.83 -2.83
C ALA A 56 5.81 -7.25 -1.42
N SER A 57 4.64 -7.00 -0.83
CA SER A 57 4.62 -6.46 0.52
C SER A 57 5.10 -7.53 1.52
N SER A 58 5.65 -7.10 2.64
CA SER A 58 6.17 -8.04 3.64
C SER A 58 5.09 -8.97 4.11
N THR A 59 3.85 -8.49 4.05
CA THR A 59 2.70 -9.26 4.49
C THR A 59 2.52 -10.55 3.69
N ILE A 60 3.28 -10.72 2.61
CA ILE A 60 3.25 -11.96 1.85
C ILE A 60 3.61 -13.11 2.79
N GLN A 61 4.47 -12.85 3.77
CA GLN A 61 4.88 -13.89 4.71
C GLN A 61 3.68 -14.42 5.50
N ASP A 62 2.66 -13.60 5.70
CA ASP A 62 1.49 -14.00 6.46
C ASP A 62 0.55 -14.90 5.65
N TYR A 63 0.70 -14.92 4.33
CA TYR A 63 -0.22 -15.71 3.52
C TYR A 63 0.46 -16.92 2.90
N LEU A 64 1.65 -16.71 2.34
CA LEU A 64 2.37 -17.75 1.63
C LEU A 64 3.56 -18.30 2.41
N GLY A 65 4.05 -17.53 3.39
CA GLY A 65 5.16 -18.00 4.19
C GLY A 65 6.51 -17.66 3.59
N PHE A 66 6.48 -16.96 2.46
CA PHE A 66 7.71 -16.48 1.83
C PHE A 66 8.12 -15.14 2.38
N GLN A 67 9.43 -14.88 2.42
CA GLN A 67 9.89 -13.54 2.73
C GLN A 67 9.90 -12.69 1.45
N GLN A 68 9.57 -11.42 1.65
CA GLN A 68 9.61 -10.42 0.60
C GLN A 68 10.93 -10.42 -0.19
N SER A 69 12.05 -10.45 0.52
CA SER A 69 13.35 -10.37 -0.13
C SER A 69 13.71 -11.60 -0.98
N ASP A 70 13.14 -12.75 -0.65
CA ASP A 70 13.44 -13.97 -1.40
C ASP A 70 12.65 -14.02 -2.70
N VAL A 71 11.59 -13.23 -2.77
CA VAL A 71 10.61 -13.35 -3.83
C VAL A 71 10.80 -12.29 -4.90
N ILE A 72 11.18 -11.09 -4.46
CA ILE A 72 11.43 -9.97 -5.37
C ILE A 72 12.54 -10.31 -6.36
N HIS A 73 12.37 -9.88 -7.62
CA HIS A 73 13.31 -10.14 -8.71
C HIS A 73 13.25 -11.57 -9.24
N GLN A 74 12.29 -12.35 -8.77
CA GLN A 74 12.14 -13.69 -9.31
C GLN A 74 10.90 -13.75 -10.17
N SER A 75 10.83 -14.77 -11.01
CA SER A 75 9.66 -14.96 -11.88
C SER A 75 8.46 -15.36 -11.03
N VAL A 76 7.28 -14.79 -11.30
CA VAL A 76 6.08 -15.18 -10.56
C VAL A 76 5.70 -16.62 -10.81
N TYR A 77 6.12 -17.16 -11.95
CA TYR A 77 5.71 -18.51 -12.33
C TYR A 77 6.24 -19.53 -11.33
N GLU A 78 7.30 -19.16 -10.59
CA GLU A 78 7.84 -20.03 -9.55
C GLU A 78 6.91 -20.13 -8.36
N LEU A 79 6.06 -19.12 -8.18
CA LEU A 79 5.06 -19.11 -7.11
C LEU A 79 3.72 -19.69 -7.56
N ILE A 80 3.57 -19.88 -8.87
CA ILE A 80 2.26 -20.25 -9.41
C ILE A 80 2.17 -21.72 -9.78
N HIS A 81 1.05 -22.34 -9.41
CA HIS A 81 0.71 -23.69 -9.82
C HIS A 81 0.83 -23.79 -11.33
N THR A 82 1.47 -24.86 -11.81
CA THR A 82 1.76 -24.98 -13.25
C THR A 82 0.51 -24.93 -14.10
N GLU A 83 -0.64 -25.28 -13.52
CA GLU A 83 -1.91 -25.28 -14.26
C GLU A 83 -2.51 -23.88 -14.40
N ASP A 84 -2.06 -22.95 -13.56
CA ASP A 84 -2.57 -21.59 -13.57
C ASP A 84 -1.61 -20.62 -14.24
N ARG A 85 -0.46 -21.10 -14.72
CA ARG A 85 0.54 -20.19 -15.29
C ARG A 85 0.11 -19.53 -16.60
N ALA A 86 -0.49 -20.31 -17.50
CA ALA A 86 -0.94 -19.75 -18.78
C ALA A 86 -1.98 -18.66 -18.55
N GLU A 87 -2.89 -18.90 -17.62
CA GLU A 87 -3.93 -17.91 -17.30
C GLU A 87 -3.32 -16.65 -16.72
N PHE A 88 -2.33 -16.80 -15.85
CA PHE A 88 -1.68 -15.61 -15.31
C PHE A 88 -1.04 -14.82 -16.44
N GLN A 89 -0.34 -15.52 -17.34
CA GLN A 89 0.33 -14.87 -18.45
C GLN A 89 -0.67 -14.10 -19.33
N ARG A 90 -1.81 -14.72 -19.61
CA ARG A 90 -2.83 -14.09 -20.45
C ARG A 90 -3.34 -12.84 -19.77
N GLN A 91 -3.58 -12.97 -18.49
CA GLN A 91 -4.11 -11.88 -17.70
C GLN A 91 -3.10 -10.74 -17.55
N LEU A 92 -1.82 -11.06 -17.68
CA LEU A 92 -0.76 -10.07 -17.57
C LEU A 92 -0.67 -9.20 -18.82
N HIS A 93 -1.31 -9.64 -19.90
CA HIS A 93 -1.19 -8.93 -21.17
C HIS A 93 -2.37 -7.96 -21.28
N TRP A 94 -2.09 -6.74 -21.71
CA TRP A 94 -3.12 -5.71 -21.74
C TRP A 94 -4.33 -6.09 -22.58
N ALA A 95 -4.08 -6.73 -23.72
CA ALA A 95 -5.15 -7.20 -24.59
C ALA A 95 -5.58 -8.65 -24.35
N LEU A 96 -5.14 -9.25 -23.24
CA LEU A 96 -5.41 -10.67 -22.96
C LEU A 96 -4.90 -11.61 -24.06
N ASN A 97 -3.83 -11.20 -24.75
CA ASN A 97 -3.33 -11.90 -25.92
C ASN A 97 -1.81 -11.99 -25.91
N PRO A 98 -1.25 -12.75 -24.96
CA PRO A 98 0.19 -12.73 -24.61
C PRO A 98 1.20 -13.10 -25.69
N ASP A 99 0.78 -13.81 -26.73
CA ASP A 99 1.69 -14.47 -27.70
C ASP A 99 2.54 -15.59 -27.10
N ASN A 126 -16.14 -1.37 -20.93
CA ASN A 126 -15.60 -0.06 -21.27
C ASN A 126 -15.03 0.72 -20.07
N ALA A 127 -14.30 0.03 -19.20
CA ALA A 127 -13.77 0.65 -17.98
C ALA A 127 -12.78 1.79 -18.27
N SER A 128 -12.35 2.47 -17.21
CA SER A 128 -11.45 3.61 -17.32
C SER A 128 -10.02 3.17 -17.01
N PHE A 129 -9.87 1.87 -16.85
CA PHE A 129 -8.60 1.25 -16.46
C PHE A 129 -8.52 -0.14 -17.08
N MET A 130 -7.34 -0.73 -17.05
CA MET A 130 -7.21 -2.09 -17.53
C MET A 130 -7.19 -2.94 -16.29
N GLU A 131 -8.40 -3.20 -15.82
CA GLU A 131 -8.64 -3.95 -14.61
C GLU A 131 -8.47 -5.45 -14.80
N ARG A 132 -8.02 -6.10 -13.75
CA ARG A 132 -7.82 -7.53 -13.75
C ARG A 132 -8.36 -8.09 -12.46
N CYS A 133 -9.12 -9.16 -12.58
CA CYS A 133 -9.72 -9.80 -11.43
C CYS A 133 -9.80 -11.27 -11.78
N PHE A 134 -8.96 -12.09 -11.15
CA PHE A 134 -8.89 -13.49 -11.55
C PHE A 134 -8.38 -14.43 -10.46
N ARG A 135 -8.53 -15.71 -10.69
CA ARG A 135 -8.18 -16.72 -9.69
C ARG A 135 -6.82 -17.30 -10.01
N CYS A 136 -6.06 -17.66 -8.97
CA CYS A 136 -4.72 -18.21 -9.14
C CYS A 136 -4.25 -18.93 -7.90
N ARG A 137 -3.65 -20.11 -8.05
CA ARG A 137 -3.09 -20.85 -6.92
C ARG A 137 -1.62 -20.50 -6.74
N LEU A 138 -1.25 -20.12 -5.51
CA LEU A 138 0.13 -19.69 -5.24
C LEU A 138 0.81 -20.65 -4.27
N ARG A 139 2.14 -20.80 -4.40
CA ARG A 139 2.87 -21.69 -3.50
C ARG A 139 2.78 -21.16 -2.07
N CYS A 140 2.38 -22.05 -1.16
CA CYS A 140 2.17 -21.68 0.23
C CYS A 140 2.97 -22.63 1.13
N LEU A 141 3.92 -22.07 1.89
CA LEU A 141 4.80 -22.87 2.73
C LEU A 141 4.27 -23.06 4.14
N LEU A 142 3.01 -22.69 4.38
CA LEU A 142 2.48 -22.79 5.75
C LEU A 142 1.82 -24.13 6.02
N ASP A 143 1.88 -24.53 7.29
CA ASP A 143 1.48 -25.87 7.74
C ASP A 143 0.04 -26.25 7.43
N ASN A 144 -0.86 -25.28 7.49
CA ASN A 144 -2.28 -25.52 7.19
C ASN A 144 -2.57 -25.55 5.68
N SER A 145 -1.66 -26.15 4.91
CA SER A 145 -1.76 -26.14 3.46
C SER A 145 -1.11 -27.36 2.80
N SER A 146 -1.47 -27.63 1.56
CA SER A 146 -0.90 -28.76 0.80
C SER A 146 0.16 -28.25 -0.20
N GLY A 147 0.64 -27.04 0.02
CA GLY A 147 1.63 -26.46 -0.86
C GLY A 147 1.08 -25.30 -1.65
N PHE A 148 -0.26 -25.20 -1.71
CA PHE A 148 -0.87 -24.15 -2.52
C PHE A 148 -2.07 -23.50 -1.83
N LEU A 149 -2.27 -22.22 -2.15
CA LEU A 149 -3.32 -21.40 -1.58
C LEU A 149 -4.04 -20.74 -2.75
N ALA A 150 -5.35 -20.97 -2.84
CA ALA A 150 -6.14 -20.37 -3.90
C ALA A 150 -6.36 -18.91 -3.55
N MET A 151 -6.02 -18.02 -4.47
CA MET A 151 -6.12 -16.59 -4.23
C MET A 151 -6.78 -15.86 -5.38
N ASN A 152 -7.43 -14.75 -5.07
CA ASN A 152 -7.94 -13.86 -6.08
C ASN A 152 -7.00 -12.66 -6.24
N PHE A 153 -6.55 -12.44 -7.46
CA PHE A 153 -5.79 -11.24 -7.79
C PHE A 153 -6.77 -10.18 -8.25
N GLN A 154 -6.62 -8.99 -7.70
CA GLN A 154 -7.49 -7.89 -8.07
C GLN A 154 -6.64 -6.64 -8.18
N GLY A 155 -6.62 -6.04 -9.37
CA GLY A 155 -5.80 -4.87 -9.58
C GLY A 155 -5.87 -4.27 -10.97
N ARG A 156 -4.81 -3.58 -11.36
CA ARG A 156 -4.81 -2.85 -12.64
C ARG A 156 -3.49 -3.04 -13.32
N LEU A 157 -3.55 -2.97 -14.64
CA LEU A 157 -2.39 -3.06 -15.48
C LEU A 157 -1.99 -1.62 -15.85
N LYS A 158 -0.75 -1.23 -15.53
CA LYS A 158 -0.29 0.14 -15.81
C LYS A 158 1.20 0.13 -16.14
N TYR A 159 1.66 1.17 -16.80
CA TYR A 159 3.07 1.28 -17.12
C TYR A 159 3.92 1.62 -15.91
N LEU A 160 5.01 0.88 -15.74
CA LEU A 160 5.93 1.11 -14.63
C LEU A 160 7.16 1.88 -15.11
N HIS A 161 7.18 3.20 -14.85
CA HIS A 161 8.36 4.03 -15.14
C HIS A 161 9.39 3.98 -14.01
N GLY A 162 10.66 4.26 -14.33
CA GLY A 162 11.69 4.30 -13.31
C GLY A 162 12.80 3.27 -13.46
N GLN A 163 12.46 2.09 -13.96
CA GLN A 163 13.45 1.04 -14.22
C GLN A 163 14.52 1.50 -15.21
N ASN A 164 15.63 0.76 -15.27
CA ASN A 164 16.76 1.10 -16.14
C ASN A 164 17.28 2.52 -15.90
N LEU A 173 15.84 2.26 -22.32
CA LEU A 173 14.83 1.21 -22.42
C LEU A 173 13.44 1.71 -22.01
N PRO A 174 12.40 1.36 -22.79
CA PRO A 174 11.06 1.92 -22.61
C PRO A 174 10.26 1.24 -21.50
N PRO A 175 9.40 2.00 -20.79
CA PRO A 175 8.61 1.44 -19.69
C PRO A 175 7.77 0.25 -20.14
N GLN A 176 7.53 -0.70 -19.24
CA GLN A 176 6.79 -1.88 -19.59
C GLN A 176 5.51 -1.91 -18.76
N LEU A 177 4.58 -2.77 -19.13
CA LEU A 177 3.32 -2.83 -18.42
C LEU A 177 3.55 -3.70 -17.20
N ALA A 178 2.79 -3.44 -16.15
CA ALA A 178 2.93 -4.17 -14.91
C ALA A 178 1.57 -4.29 -14.26
N LEU A 179 1.35 -5.42 -13.61
CA LEU A 179 0.14 -5.68 -12.87
C LEU A 179 0.42 -5.24 -11.44
N PHE A 180 -0.37 -4.28 -10.97
CA PHE A 180 -0.34 -3.87 -9.57
C PHE A 180 -1.59 -4.47 -8.97
N ALA A 181 -1.42 -5.38 -8.03
CA ALA A 181 -2.58 -6.07 -7.51
C ALA A 181 -2.52 -6.37 -6.03
N ILE A 182 -3.68 -6.71 -5.48
CA ILE A 182 -3.78 -7.29 -4.15
C ILE A 182 -4.22 -8.72 -4.36
N ALA A 183 -3.49 -9.62 -3.72
CA ALA A 183 -3.78 -11.05 -3.75
C ALA A 183 -4.45 -11.42 -2.44
N THR A 184 -5.69 -11.88 -2.54
CA THR A 184 -6.54 -12.10 -1.38
C THR A 184 -6.88 -13.59 -1.29
N PRO A 185 -6.77 -14.20 -0.10
CA PRO A 185 -7.11 -15.62 0.00
C PRO A 185 -8.61 -15.89 -0.19
N LEU A 186 -8.95 -17.01 -0.80
CA LEU A 186 -10.35 -17.38 -1.00
C LEU A 186 -10.94 -18.17 0.17
N SER B 28 7.80 6.44 -7.73
CA SER B 28 7.06 6.27 -8.97
C SER B 28 6.21 5.00 -8.93
N MET B 29 6.77 3.93 -8.39
CA MET B 29 5.99 2.71 -8.19
C MET B 29 4.88 3.00 -7.19
N LEU B 30 5.19 3.80 -6.20
CA LEU B 30 4.22 4.20 -5.20
C LEU B 30 3.09 4.99 -5.86
N GLN B 31 3.46 5.90 -6.76
CA GLN B 31 2.45 6.70 -7.43
C GLN B 31 1.51 5.86 -8.31
N GLU B 32 2.08 4.92 -9.04
CA GLU B 32 1.30 4.05 -9.91
C GLU B 32 0.49 3.01 -9.13
N GLY B 33 0.94 2.69 -7.91
CA GLY B 33 0.29 1.69 -7.09
C GLY B 33 -0.67 2.26 -6.05
N GLU B 34 -0.66 3.59 -5.91
CA GLU B 34 -1.52 4.36 -5.00
C GLU B 34 -2.95 3.84 -4.92
N PHE B 35 -3.53 3.56 -6.08
CA PHE B 35 -4.94 3.22 -6.17
C PHE B 35 -5.28 2.01 -5.31
N LEU B 36 -4.29 1.15 -5.08
CA LEU B 36 -4.50 -0.06 -4.30
C LEU B 36 -4.93 0.26 -2.86
N LEU B 37 -4.53 1.43 -2.36
CA LEU B 37 -4.89 1.81 -0.99
C LEU B 37 -6.38 2.17 -0.85
N GLN B 38 -7.12 2.12 -1.95
CA GLN B 38 -8.56 2.31 -1.90
C GLN B 38 -9.24 1.17 -1.13
N ALA B 39 -8.52 0.05 -0.96
CA ALA B 39 -9.04 -1.09 -0.21
C ALA B 39 -9.04 -0.80 1.29
N LEU B 40 -8.24 0.17 1.72
CA LEU B 40 -8.20 0.55 3.13
C LEU B 40 -9.47 1.32 3.49
N ASN B 41 -9.87 1.26 4.75
CA ASN B 41 -10.99 2.07 5.22
C ASN B 41 -10.45 3.34 5.88
N GLY B 42 -9.77 4.16 5.09
CA GLY B 42 -9.18 5.39 5.57
C GLY B 42 -8.03 5.75 4.66
N PHE B 43 -7.26 6.76 5.04
CA PHE B 43 -6.14 7.17 4.20
C PHE B 43 -4.82 7.11 4.97
N VAL B 44 -3.72 6.98 4.22
CA VAL B 44 -2.41 6.87 4.82
C VAL B 44 -1.83 8.25 5.04
N LEU B 45 -1.28 8.47 6.23
CA LEU B 45 -0.63 9.73 6.55
C LEU B 45 0.72 9.47 7.20
N VAL B 46 1.75 10.13 6.67
CA VAL B 46 3.07 10.07 7.24
C VAL B 46 3.52 11.50 7.53
N VAL B 47 3.77 11.77 8.80
CA VAL B 47 4.13 13.11 9.27
C VAL B 47 5.47 13.08 9.99
N THR B 48 6.41 13.91 9.56
CA THR B 48 7.72 13.98 10.22
C THR B 48 7.67 14.82 11.49
N ALA B 49 8.76 14.79 12.25
CA ALA B 49 8.85 15.47 13.56
C ALA B 49 8.65 16.98 13.47
N ASP B 50 9.09 17.56 12.36
CA ASP B 50 8.89 18.99 12.10
C ASP B 50 7.44 19.34 11.77
N ALA B 51 6.57 18.33 11.92
CA ALA B 51 5.13 18.43 11.69
C ALA B 51 4.77 18.69 10.23
N LEU B 52 5.64 18.28 9.32
CA LEU B 52 5.33 18.34 7.91
C LEU B 52 4.77 17.01 7.47
N VAL B 53 3.80 17.06 6.56
CA VAL B 53 3.27 15.85 5.97
C VAL B 53 4.30 15.34 4.98
N PHE B 54 4.90 14.20 5.29
CA PHE B 54 5.87 13.64 4.38
C PHE B 54 5.11 12.95 3.26
N TYR B 55 4.02 12.29 3.63
CA TYR B 55 3.24 11.60 2.62
C TYR B 55 1.77 11.52 3.01
N ALA B 56 0.90 11.54 2.02
CA ALA B 56 -0.51 11.27 2.23
C ALA B 56 -1.00 10.56 0.98
N SER B 57 -1.74 9.47 1.16
CA SER B 57 -2.24 8.71 0.02
C SER B 57 -3.30 9.53 -0.72
N SER B 58 -3.44 9.31 -2.02
CA SER B 58 -4.39 10.05 -2.83
C SER B 58 -5.81 9.91 -2.33
N THR B 59 -6.08 8.76 -1.71
CA THR B 59 -7.38 8.46 -1.17
C THR B 59 -7.82 9.51 -0.13
N ILE B 60 -6.89 10.38 0.29
CA ILE B 60 -7.25 11.46 1.21
C ILE B 60 -8.35 12.33 0.60
N GLN B 61 -8.31 12.45 -0.72
CA GLN B 61 -9.30 13.23 -1.45
C GLN B 61 -10.70 12.67 -1.24
N ASP B 62 -10.80 11.36 -1.02
CA ASP B 62 -12.09 10.72 -0.85
C ASP B 62 -12.68 10.97 0.53
N TYR B 63 -11.85 11.41 1.46
CA TYR B 63 -12.33 11.59 2.82
C TYR B 63 -12.42 13.07 3.20
N LEU B 64 -11.39 13.83 2.85
CA LEU B 64 -11.31 15.22 3.26
C LEU B 64 -11.57 16.16 2.10
N GLY B 65 -11.39 15.63 0.89
CA GLY B 65 -11.62 16.41 -0.31
C GLY B 65 -10.38 17.18 -0.73
N PHE B 66 -9.30 17.02 0.04
CA PHE B 66 -8.05 17.68 -0.31
C PHE B 66 -7.29 16.81 -1.29
N GLN B 67 -6.53 17.45 -2.16
CA GLN B 67 -5.63 16.69 -3.02
C GLN B 67 -4.34 16.39 -2.30
N GLN B 68 -3.79 15.23 -2.59
CA GLN B 68 -2.50 14.81 -2.10
C GLN B 68 -1.47 15.94 -2.26
N SER B 69 -1.45 16.56 -3.43
CA SER B 69 -0.46 17.59 -3.75
C SER B 69 -0.63 18.89 -2.93
N ASP B 70 -1.82 19.15 -2.41
CA ASP B 70 -2.06 20.36 -1.64
C ASP B 70 -1.53 20.18 -0.22
N VAL B 71 -1.35 18.93 0.18
CA VAL B 71 -1.09 18.58 1.57
C VAL B 71 0.36 18.17 1.85
N ILE B 72 0.98 17.44 0.93
CA ILE B 72 2.37 17.01 1.10
C ILE B 72 3.32 18.21 1.17
N HIS B 73 4.30 18.14 2.07
CA HIS B 73 5.31 19.19 2.28
C HIS B 73 4.74 20.42 2.97
N GLN B 74 3.49 20.32 3.42
CA GLN B 74 2.87 21.39 4.20
C GLN B 74 2.65 20.88 5.62
N SER B 75 2.42 21.80 6.55
CA SER B 75 2.19 21.42 7.94
C SER B 75 0.84 20.69 8.13
N VAL B 76 0.83 19.66 8.95
CA VAL B 76 -0.40 18.93 9.25
C VAL B 76 -1.41 19.81 9.96
N TYR B 77 -0.93 20.80 10.70
CA TYR B 77 -1.81 21.60 11.54
C TYR B 77 -2.82 22.39 10.73
N GLU B 78 -2.53 22.59 9.45
CA GLU B 78 -3.47 23.24 8.55
C GLU B 78 -4.69 22.36 8.28
N LEU B 79 -4.53 21.06 8.50
CA LEU B 79 -5.62 20.10 8.30
C LEU B 79 -6.39 19.86 9.59
N ILE B 80 -5.82 20.29 10.70
CA ILE B 80 -6.35 19.92 12.01
C ILE B 80 -7.07 21.05 12.73
N HIS B 81 -8.21 20.73 13.34
CA HIS B 81 -8.92 21.64 14.21
C HIS B 81 -8.00 22.22 15.28
N THR B 82 -8.10 23.54 15.50
CA THR B 82 -7.18 24.25 16.40
C THR B 82 -7.15 23.72 17.83
N GLU B 83 -8.23 23.07 18.24
CA GLU B 83 -8.34 22.47 19.56
C GLU B 83 -7.71 21.08 19.63
N ASP B 84 -7.53 20.45 18.47
CA ASP B 84 -7.01 19.10 18.44
C ASP B 84 -5.54 19.08 18.07
N ARG B 85 -5.00 20.26 17.81
CA ARG B 85 -3.60 20.39 17.39
C ARG B 85 -2.63 20.00 18.48
N ALA B 86 -2.95 20.42 19.71
CA ALA B 86 -2.10 20.13 20.84
C ALA B 86 -1.99 18.61 21.03
N GLU B 87 -3.11 17.92 20.83
CA GLU B 87 -3.14 16.48 20.97
C GLU B 87 -2.29 15.78 19.91
N PHE B 88 -2.39 16.24 18.66
CA PHE B 88 -1.59 15.66 17.58
C PHE B 88 -0.11 15.88 17.85
N GLN B 89 0.22 17.10 18.27
CA GLN B 89 1.58 17.48 18.58
C GLN B 89 2.11 16.54 19.65
N ARG B 90 1.26 16.26 20.64
CA ARG B 90 1.61 15.34 21.72
C ARG B 90 1.89 13.96 21.16
N GLN B 91 1.06 13.54 20.19
CA GLN B 91 1.23 12.21 19.60
C GLN B 91 2.53 12.11 18.84
N LEU B 92 3.05 13.25 18.40
CA LEU B 92 4.31 13.28 17.66
C LEU B 92 5.49 13.05 18.58
N HIS B 93 5.23 13.06 19.88
CA HIS B 93 6.29 12.96 20.87
C HIS B 93 6.52 11.56 21.42
N TRP B 94 7.79 11.23 21.59
CA TRP B 94 8.20 9.93 22.10
C TRP B 94 7.61 9.63 23.47
N ALA B 95 7.62 10.62 24.36
CA ALA B 95 7.10 10.45 25.71
C ALA B 95 5.59 10.71 25.73
N LEU B 96 4.86 9.76 26.31
CA LEU B 96 3.39 9.78 26.31
C LEU B 96 2.77 11.09 26.79
N ALA B 127 15.04 2.75 14.43
CA ALA B 127 15.28 1.63 15.35
C ALA B 127 13.97 0.96 15.76
N SER B 128 13.46 1.33 16.93
CA SER B 128 12.22 0.76 17.48
C SER B 128 11.03 1.69 17.23
N PHE B 129 9.88 1.39 17.83
CA PHE B 129 8.69 2.20 17.60
C PHE B 129 7.72 2.22 18.78
N MET B 130 6.87 3.25 18.81
CA MET B 130 5.78 3.37 19.79
C MET B 130 4.40 3.26 19.11
N GLU B 131 3.48 2.48 19.67
CA GLU B 131 2.15 2.37 19.07
C GLU B 131 1.39 3.67 19.32
N ARG B 132 0.56 4.07 18.37
CA ARG B 132 -0.23 5.30 18.49
C ARG B 132 -1.66 5.06 18.05
N CYS B 133 -2.61 5.49 18.86
CA CYS B 133 -4.02 5.32 18.56
C CYS B 133 -4.77 6.47 19.22
N PHE B 134 -5.30 7.39 18.43
CA PHE B 134 -5.92 8.59 19.00
C PHE B 134 -6.96 9.25 18.09
N ARG B 135 -7.74 10.18 18.67
CA ARG B 135 -8.83 10.83 17.95
C ARG B 135 -8.40 12.23 17.52
N CYS B 136 -8.89 12.69 16.38
CA CYS B 136 -8.54 14.01 15.87
C CYS B 136 -9.51 14.48 14.77
N ARG B 137 -9.91 15.75 14.82
CA ARG B 137 -10.77 16.30 13.77
C ARG B 137 -9.97 16.95 12.62
N LEU B 138 -10.30 16.57 11.39
CA LEU B 138 -9.61 17.11 10.22
C LEU B 138 -10.53 17.95 9.35
N ARG B 139 -9.96 18.96 8.71
CA ARG B 139 -10.70 19.83 7.82
C ARG B 139 -11.27 18.98 6.71
N CYS B 140 -12.58 19.06 6.50
CA CYS B 140 -13.24 18.25 5.49
C CYS B 140 -14.06 19.12 4.55
N LEU B 141 -13.70 19.13 3.27
CA LEU B 141 -14.35 19.99 2.29
C LEU B 141 -15.57 19.34 1.64
N LEU B 142 -15.98 18.19 2.19
CA LEU B 142 -17.12 17.46 1.67
C LEU B 142 -18.40 17.80 2.43
N GLY B 147 -18.02 20.98 8.45
CA GLY B 147 -16.74 21.55 8.09
C GLY B 147 -15.56 20.70 8.50
N PHE B 148 -15.81 19.74 9.39
CA PHE B 148 -14.76 18.89 9.94
C PHE B 148 -15.22 17.44 10.01
N LEU B 149 -14.24 16.54 9.98
CA LEU B 149 -14.51 15.11 9.99
C LEU B 149 -13.66 14.49 11.10
N ALA B 150 -14.32 13.86 12.05
CA ALA B 150 -13.65 13.22 13.17
C ALA B 150 -13.06 11.88 12.74
N MET B 151 -11.77 11.71 13.00
CA MET B 151 -11.07 10.51 12.57
C MET B 151 -10.21 9.90 13.67
N ASN B 152 -10.05 8.60 13.60
CA ASN B 152 -9.10 7.92 14.46
C ASN B 152 -7.83 7.63 13.69
N PHE B 153 -6.72 8.11 14.23
CA PHE B 153 -5.40 7.80 13.72
C PHE B 153 -4.88 6.56 14.40
N GLN B 154 -4.36 5.64 13.60
CA GLN B 154 -3.83 4.38 14.12
C GLN B 154 -2.54 4.05 13.40
N GLY B 155 -1.44 3.97 14.15
CA GLY B 155 -0.15 3.71 13.53
C GLY B 155 0.99 3.64 14.50
N ARG B 156 2.19 4.01 14.05
CA ARG B 156 3.39 3.92 14.87
C ARG B 156 4.31 5.12 14.74
N LEU B 157 4.98 5.46 15.83
CA LEU B 157 6.02 6.47 15.86
C LEU B 157 7.36 5.79 15.73
N LYS B 158 8.11 6.13 14.70
CA LYS B 158 9.41 5.50 14.43
C LYS B 158 10.35 6.43 13.69
N TYR B 159 11.63 6.07 13.65
CA TYR B 159 12.64 6.84 12.91
C TYR B 159 12.44 6.68 11.39
N PRO B 174 21.49 14.00 11.05
CA PRO B 174 21.01 12.71 11.56
C PRO B 174 19.50 12.58 11.38
N PRO B 175 19.02 11.35 11.12
CA PRO B 175 17.62 11.03 10.87
C PRO B 175 16.64 11.47 11.97
N GLN B 176 15.38 11.68 11.60
CA GLN B 176 14.35 12.16 12.51
C GLN B 176 13.26 11.13 12.82
N LEU B 177 12.37 11.48 13.76
CA LEU B 177 11.25 10.62 14.15
C LEU B 177 10.05 10.86 13.22
N ALA B 178 9.21 9.85 13.04
CA ALA B 178 8.04 10.01 12.15
C ALA B 178 6.82 9.19 12.54
N LEU B 179 5.65 9.79 12.33
CA LEU B 179 4.37 9.12 12.56
C LEU B 179 3.87 8.50 11.25
N PHE B 180 3.76 7.18 11.22
CA PHE B 180 3.16 6.46 10.09
C PHE B 180 1.78 5.96 10.52
N ALA B 181 0.73 6.43 9.89
CA ALA B 181 -0.62 6.10 10.37
C ALA B 181 -1.68 5.93 9.28
N ILE B 182 -2.79 5.32 9.68
CA ILE B 182 -4.00 5.31 8.86
C ILE B 182 -5.07 6.11 9.60
N ALA B 183 -5.70 7.03 8.87
CA ALA B 183 -6.76 7.86 9.42
C ALA B 183 -8.11 7.32 8.96
N THR B 184 -8.93 6.91 9.91
CA THR B 184 -10.18 6.23 9.64
C THR B 184 -11.37 7.04 10.16
N PRO B 185 -12.41 7.20 9.34
CA PRO B 185 -13.60 7.94 9.78
C PRO B 185 -14.35 7.18 10.88
N LEU B 186 -14.99 7.92 11.78
CA LEU B 186 -15.69 7.30 12.90
C LEU B 186 -17.10 6.90 12.48
#